data_9IRW
#
_entry.id   9IRW
#
_cell.length_a   1.00
_cell.length_b   1.00
_cell.length_c   1.00
_cell.angle_alpha   90.00
_cell.angle_beta   90.00
_cell.angle_gamma   90.00
#
_symmetry.space_group_name_H-M   'P 1'
#
loop_
_entity.id
_entity.type
_entity.pdbx_description
1 polymer 'Solute carrier family 22 member 12'
2 non-polymer 'URIC ACID'
#
_entity_poly.entity_id   1
_entity_poly.type   'polypeptide(L)'
_entity_poly.pdbx_seq_one_letter_code
;GPEFMAFSELLDLVGGLGRFQVLQTMALMVSIMWLCTQSMLENFSAAVPSHRCWAPLLDNSTAQASILGSLSPEALLAIS
IPPGPNQRPHQCRRFRQPQWQLLDPNATATSWSEADTEPCVDGWVYDRSIFTSTIVAKWNLVCDSHALKPMAQSIYLAGI
LVGAAVCGPASDRFGRRLVLTWSYLQMAVSGTAAAFAPTFPVYCLFRFLLAFAVAGVMMNTGTLLMEWTSARARPLVMTL
NSLGFSFGHGLTAAVAYGVRDWTLLQLAVSVPFFLCFLYSWWLAESARWLLTTGRLDRGLQELRRVAAINGKRAVQDTLT
PEVLLSAMREELSVGQAPASLGTLLRTPGLRLRTCISTLCWFAFGFTFFGLALDLQALGSNIFLLQVLIGVVDIPAKMGA
LLLLSRLGRRPTLAASLLLAGLCILANTLVPHEMGALRSALAVLGLGGVGAAFTCITIYSSELFPTVLRMTAVGLGQMAA
RGGAILGPLVRLLGVHGPWLPLLVYGTVPVLSGLAALLLPETQSLPLPDTIQDVQNQAVKKATHGTLGNSVLKSTQF
;
_entity_poly.pdbx_strand_id   A
#
loop_
_chem_comp.id
_chem_comp.type
_chem_comp.name
_chem_comp.formula
URC non-polymer 'URIC ACID' 'C5 H4 N4 O3'
#
# COMPACT_ATOMS: atom_id res chain seq x y z
N MET A 5 -4.30 -25.24 -21.56
CA MET A 5 -3.74 -23.93 -21.84
C MET A 5 -2.36 -23.77 -21.21
N ALA A 6 -1.37 -24.51 -21.73
CA ALA A 6 -0.04 -24.57 -21.13
C ALA A 6 0.77 -23.38 -21.61
N PHE A 7 1.04 -22.43 -20.71
CA PHE A 7 1.80 -21.24 -21.05
C PHE A 7 3.28 -21.33 -20.67
N SER A 8 3.63 -22.15 -19.69
CA SER A 8 5.06 -22.18 -19.35
C SER A 8 5.87 -22.66 -20.56
N GLU A 9 5.29 -23.48 -21.43
CA GLU A 9 6.01 -23.90 -22.65
C GLU A 9 6.33 -22.66 -23.47
N LEU A 10 5.39 -21.73 -23.55
CA LEU A 10 5.60 -20.50 -24.36
C LEU A 10 6.62 -19.60 -23.65
N LEU A 11 6.59 -19.54 -22.31
CA LEU A 11 7.55 -18.70 -21.54
C LEU A 11 8.94 -19.35 -21.65
N ASP A 12 9.02 -20.60 -22.09
CA ASP A 12 10.38 -21.17 -22.26
C ASP A 12 10.81 -21.06 -23.72
N LEU A 13 9.87 -21.17 -24.66
CA LEU A 13 10.21 -20.96 -26.09
C LEU A 13 10.68 -19.50 -26.16
N VAL A 14 9.90 -18.63 -25.51
CA VAL A 14 10.31 -17.23 -25.43
C VAL A 14 11.34 -17.13 -24.32
N GLY A 15 12.01 -15.99 -24.20
CA GLY A 15 12.94 -15.79 -23.12
C GLY A 15 12.27 -15.84 -21.76
N GLY A 16 12.69 -16.78 -20.92
CA GLY A 16 12.25 -16.84 -19.53
C GLY A 16 13.39 -16.39 -18.63
N LEU A 17 13.06 -15.49 -17.70
CA LEU A 17 14.03 -14.91 -16.78
C LEU A 17 15.18 -14.22 -17.51
N GLY A 18 14.91 -13.69 -18.70
CA GLY A 18 15.91 -12.99 -19.47
C GLY A 18 16.07 -11.57 -18.98
N ARG A 19 16.68 -10.74 -19.82
CA ARG A 19 16.86 -9.34 -19.45
C ARG A 19 15.53 -8.60 -19.36
N PHE A 20 14.53 -9.04 -20.13
CA PHE A 20 13.24 -8.37 -20.06
C PHE A 20 12.60 -8.49 -18.69
N GLN A 21 12.62 -9.70 -18.11
CA GLN A 21 11.98 -9.89 -16.82
C GLN A 21 12.67 -9.10 -15.72
N VAL A 22 14.01 -9.08 -15.72
CA VAL A 22 14.72 -8.34 -14.68
C VAL A 22 14.55 -6.84 -14.87
N LEU A 23 14.57 -6.35 -16.12
CA LEU A 23 14.35 -4.92 -16.35
C LEU A 23 12.95 -4.51 -15.92
N GLN A 24 11.95 -5.32 -16.26
CA GLN A 24 10.59 -5.03 -15.84
C GLN A 24 10.46 -5.05 -14.32
N THR A 25 11.10 -6.01 -13.67
CA THR A 25 11.05 -6.08 -12.21
C THR A 25 11.68 -4.84 -11.59
N MET A 26 12.82 -4.39 -12.12
CA MET A 26 13.46 -3.20 -11.57
C MET A 26 12.58 -1.96 -11.76
N ALA A 27 12.04 -1.79 -12.97
CA ALA A 27 11.22 -0.61 -13.23
C ALA A 27 9.97 -0.61 -12.37
N LEU A 28 9.32 -1.77 -12.23
CA LEU A 28 8.11 -1.83 -11.43
C LEU A 28 8.41 -1.69 -9.94
N MET A 29 9.55 -2.20 -9.48
CA MET A 29 9.94 -1.98 -8.09
C MET A 29 10.20 -0.51 -7.81
N VAL A 30 10.82 0.20 -8.75
CA VAL A 30 11.03 1.64 -8.58
C VAL A 30 9.69 2.38 -8.54
N SER A 31 8.78 2.03 -9.45
CA SER A 31 7.47 2.66 -9.44
C SER A 31 6.73 2.38 -8.13
N ILE A 32 6.89 1.18 -7.60
CA ILE A 32 6.25 0.84 -6.33
C ILE A 32 6.89 1.61 -5.18
N MET A 33 8.21 1.84 -5.25
CA MET A 33 8.85 2.69 -4.25
C MET A 33 8.24 4.08 -4.24
N TRP A 34 8.09 4.68 -5.42
CA TRP A 34 7.48 6.00 -5.48
C TRP A 34 6.01 5.97 -5.07
N LEU A 35 5.32 4.87 -5.34
CA LEU A 35 3.93 4.74 -4.91
C LEU A 35 3.82 4.67 -3.40
N CYS A 36 4.72 3.94 -2.75
CA CYS A 36 4.73 3.90 -1.30
C CYS A 36 5.06 5.28 -0.73
N THR A 37 5.94 6.01 -1.42
CA THR A 37 6.20 7.40 -1.01
C THR A 37 4.93 8.23 -1.09
N GLN A 38 4.13 8.05 -2.15
CA GLN A 38 2.85 8.74 -2.24
C GLN A 38 1.92 8.35 -1.09
N SER A 39 1.86 7.06 -0.79
CA SER A 39 0.90 6.58 0.20
C SER A 39 1.26 7.05 1.61
N MET A 40 2.55 7.05 1.94
CA MET A 40 2.99 7.25 3.32
C MET A 40 3.41 8.68 3.62
N LEU A 41 3.20 9.63 2.70
CA LEU A 41 3.64 11.00 2.95
C LEU A 41 2.60 11.82 3.70
N GLU A 42 1.45 11.23 4.07
CA GLU A 42 0.52 11.94 4.93
C GLU A 42 1.06 12.12 6.34
N ASN A 43 2.17 11.46 6.69
CA ASN A 43 2.85 11.74 7.93
C ASN A 43 3.77 12.95 7.82
N PHE A 44 4.03 13.43 6.62
CA PHE A 44 4.94 14.55 6.40
C PHE A 44 4.28 15.75 5.75
N SER A 45 3.38 15.53 4.79
CA SER A 45 2.61 16.63 4.24
C SER A 45 1.39 16.97 5.06
N ALA A 46 1.05 16.15 6.06
CA ALA A 46 -0.07 16.40 6.95
C ALA A 46 0.35 16.29 8.40
N ALA A 47 1.63 16.50 8.69
CA ALA A 47 2.11 16.48 10.06
C ALA A 47 1.56 17.67 10.82
N VAL A 48 1.15 17.43 12.06
CA VAL A 48 0.56 18.47 12.92
C VAL A 48 1.70 19.16 13.67
N PRO A 49 1.97 20.43 13.39
CA PRO A 49 3.01 21.13 14.16
C PRO A 49 2.53 21.49 15.56
N SER A 50 3.34 22.21 16.32
CA SER A 50 2.95 22.69 17.63
C SER A 50 2.29 24.05 17.45
N HIS A 51 0.96 24.07 17.52
CA HIS A 51 0.20 25.27 17.21
C HIS A 51 -0.32 25.94 18.49
N ARG A 52 -0.77 27.18 18.31
CA ARG A 52 -1.34 27.96 19.39
C ARG A 52 -2.18 29.07 18.76
N CYS A 53 -2.91 29.79 19.60
CA CYS A 53 -3.80 30.83 19.11
C CYS A 53 -3.03 32.14 18.92
N TRP A 54 -3.17 32.73 17.74
CA TRP A 54 -2.58 34.03 17.46
C TRP A 54 -3.07 35.05 18.48
N ALA A 55 -2.16 35.58 19.29
CA ALA A 55 -2.55 36.54 20.29
C ALA A 55 -1.89 37.89 20.02
N PRO A 56 -2.56 38.99 20.36
CA PRO A 56 -1.98 40.31 20.06
C PRO A 56 -0.65 40.57 20.76
N LEU A 57 -0.43 40.00 21.94
CA LEU A 57 0.76 40.29 22.71
C LEU A 57 1.97 39.46 22.30
N LEU A 58 1.77 38.42 21.48
CA LEU A 58 2.87 37.56 21.04
C LEU A 58 3.35 37.91 19.64
N ASP A 59 2.45 37.87 18.66
CA ASP A 59 2.81 38.04 17.26
C ASP A 59 2.54 39.45 16.74
N ASN A 60 2.19 40.39 17.61
CA ASN A 60 1.97 41.77 17.23
C ASN A 60 2.63 42.67 18.26
N SER A 61 3.09 43.84 17.81
CA SER A 61 3.76 44.81 18.66
C SER A 61 4.98 44.21 19.35
N SER A 72 9.92 38.15 27.62
CA SER A 72 10.46 36.86 27.13
C SER A 72 9.35 36.06 26.45
N PRO A 73 9.63 35.23 25.42
CA PRO A 73 8.59 34.42 24.82
C PRO A 73 7.92 33.58 25.89
N GLU A 74 8.71 32.82 26.65
CA GLU A 74 8.15 31.92 27.69
C GLU A 74 7.38 32.73 28.73
N ALA A 75 7.87 33.93 29.06
CA ALA A 75 7.23 34.73 30.12
C ALA A 75 5.97 35.42 29.57
N LEU A 76 6.03 35.88 28.32
CA LEU A 76 4.88 36.54 27.72
C LEU A 76 3.90 35.56 27.10
N LEU A 77 4.23 34.28 27.04
CA LEU A 77 3.30 33.28 26.53
C LEU A 77 2.42 32.70 27.63
N ALA A 78 2.96 32.56 28.83
CA ALA A 78 2.16 32.07 29.95
C ALA A 78 1.06 33.05 30.35
N ILE A 79 1.21 34.33 30.00
CA ILE A 79 0.22 35.34 30.35
C ILE A 79 -0.84 35.51 29.27
N SER A 80 -0.62 34.97 28.08
CA SER A 80 -1.53 35.21 26.96
C SER A 80 -2.17 33.95 26.42
N ILE A 81 -1.82 32.77 26.93
CA ILE A 81 -2.48 31.53 26.55
C ILE A 81 -2.63 30.64 27.77
N PRO A 82 -3.84 30.24 28.14
CA PRO A 82 -4.00 29.37 29.31
C PRO A 82 -3.39 28.01 29.04
N PRO A 83 -2.91 27.32 30.09
CA PRO A 83 -2.34 25.98 29.96
C PRO A 83 -3.37 24.93 29.60
N PRO A 89 0.63 25.22 27.05
CA PRO A 89 -0.08 26.18 26.19
C PRO A 89 -1.25 25.53 25.46
N HIS A 90 -2.46 26.02 25.72
CA HIS A 90 -3.64 25.49 25.06
C HIS A 90 -3.58 25.77 23.57
N GLN A 91 -3.97 24.78 22.77
CA GLN A 91 -3.92 24.87 21.31
C GLN A 91 -5.25 25.29 20.71
N CYS A 92 -6.25 25.60 21.52
CA CYS A 92 -7.57 25.92 21.01
C CYS A 92 -8.22 27.12 21.69
N ARG A 93 -7.56 27.74 22.67
CA ARG A 93 -8.15 28.82 23.43
C ARG A 93 -7.05 29.80 23.81
N ARG A 94 -7.45 31.05 24.06
CA ARG A 94 -6.47 32.08 24.40
C ARG A 94 -7.14 33.13 25.28
N PHE A 95 -6.34 33.74 26.15
CA PHE A 95 -6.88 34.77 27.07
C PHE A 95 -7.26 35.98 26.26
N ARG A 96 -8.56 36.29 26.21
CA ARG A 96 -9.04 37.44 25.40
C ARG A 96 -8.25 38.68 25.84
N GLN A 97 -8.15 38.89 27.15
CA GLN A 97 -7.40 40.05 27.69
C GLN A 97 -6.36 39.52 28.67
N PRO A 98 -5.04 39.69 28.42
CA PRO A 98 -4.02 39.08 29.29
C PRO A 98 -4.10 39.63 30.70
N GLN A 99 -3.92 38.74 31.68
CA GLN A 99 -4.00 39.12 33.09
C GLN A 99 -2.60 39.44 33.58
N TRP A 100 -2.33 40.73 33.79
CA TRP A 100 -1.02 41.12 34.30
C TRP A 100 -0.76 40.57 35.69
N GLN A 101 -1.79 40.11 36.39
CA GLN A 101 -1.64 39.39 37.65
C GLN A 101 -1.54 37.89 37.41
N LEU A 102 -0.62 37.49 36.53
CA LEU A 102 -0.33 36.07 36.31
C LEU A 102 1.15 35.75 36.29
N LEU A 103 2.03 36.72 36.01
CA LEU A 103 3.47 36.48 36.15
C LEU A 103 3.82 36.20 37.60
N ASP A 104 3.22 36.92 38.54
CA ASP A 104 3.44 36.69 39.96
C ASP A 104 2.79 35.39 40.40
N ASP A 116 -12.93 33.99 31.20
CA ASP A 116 -12.01 35.06 30.84
C ASP A 116 -11.11 34.61 29.71
N THR A 117 -11.51 33.55 29.02
CA THR A 117 -10.82 33.06 27.84
C THR A 117 -11.65 33.35 26.59
N GLU A 118 -11.16 32.86 25.46
CA GLU A 118 -11.78 33.15 24.18
C GLU A 118 -11.39 32.06 23.20
N PRO A 119 -12.29 31.61 22.33
CA PRO A 119 -11.90 30.65 21.30
C PRO A 119 -10.83 31.23 20.39
N CYS A 120 -10.31 30.37 19.53
CA CYS A 120 -9.12 30.70 18.76
C CYS A 120 -9.46 31.57 17.55
N VAL A 121 -10.26 32.62 17.75
CA VAL A 121 -10.61 33.48 16.62
C VAL A 121 -9.63 34.65 16.55
N ASP A 122 -8.41 34.37 16.09
CA ASP A 122 -7.57 35.39 15.50
C ASP A 122 -6.68 34.84 14.40
N GLY A 123 -6.81 33.54 14.08
CA GLY A 123 -5.85 32.86 13.23
C GLY A 123 -5.20 31.70 13.97
N TRP A 124 -3.95 31.42 13.63
CA TRP A 124 -3.17 30.39 14.30
C TRP A 124 -1.70 30.67 14.06
N VAL A 125 -0.87 30.09 14.93
CA VAL A 125 0.59 30.23 14.84
C VAL A 125 1.18 28.84 15.04
N TYR A 126 1.75 28.28 13.98
CA TYR A 126 2.25 26.91 14.00
C TYR A 126 3.75 26.89 14.22
N ASP A 127 4.25 25.69 14.52
CA ASP A 127 5.68 25.47 14.74
C ASP A 127 6.31 25.16 13.39
N ARG A 128 6.98 26.16 12.80
CA ARG A 128 7.58 26.03 11.49
C ARG A 128 9.07 25.74 11.56
N SER A 129 9.50 24.99 12.57
CA SER A 129 10.90 24.60 12.71
C SER A 129 11.21 23.24 12.11
N ILE A 130 10.35 22.25 12.34
CA ILE A 130 10.55 20.94 11.73
C ILE A 130 9.99 20.92 10.32
N PHE A 131 8.74 21.30 10.16
CA PHE A 131 8.08 21.37 8.85
C PHE A 131 7.79 22.83 8.54
N THR A 132 8.27 23.30 7.39
CA THR A 132 8.04 24.69 7.00
C THR A 132 6.56 24.94 6.71
N SER A 133 5.91 24.00 6.04
CA SER A 133 4.48 24.12 5.78
C SER A 133 3.89 22.74 5.57
N THR A 134 2.63 22.58 6.00
CA THR A 134 1.89 21.34 5.82
C THR A 134 0.45 21.68 5.51
N ILE A 135 -0.33 20.66 5.16
CA ILE A 135 -1.75 20.91 4.92
C ILE A 135 -2.45 21.32 6.22
N VAL A 136 -2.02 20.74 7.35
CA VAL A 136 -2.63 21.07 8.63
C VAL A 136 -2.43 22.54 8.96
N ALA A 137 -1.22 23.05 8.75
CA ALA A 137 -0.96 24.46 9.02
C ALA A 137 -1.59 25.36 7.96
N LYS A 138 -1.74 24.85 6.73
CA LYS A 138 -2.27 25.70 5.67
C LYS A 138 -3.77 25.90 5.81
N TRP A 139 -4.51 24.85 6.14
CA TRP A 139 -5.97 24.91 6.17
C TRP A 139 -6.53 24.86 7.59
N ASN A 140 -5.70 25.08 8.60
CA ASN A 140 -6.14 25.21 9.99
C ASN A 140 -6.93 23.99 10.45
N LEU A 141 -6.39 22.81 10.17
CA LEU A 141 -7.01 21.56 10.60
C LEU A 141 -6.52 21.22 12.02
N VAL A 142 -6.90 22.06 12.97
CA VAL A 142 -6.41 21.93 14.34
C VAL A 142 -7.53 22.22 15.33
N CYS A 143 -7.81 21.25 16.21
CA CYS A 143 -8.50 21.42 17.49
C CYS A 143 -9.98 21.79 17.34
N ASP A 144 -10.43 22.06 16.15
CA ASP A 144 -11.86 22.13 15.89
C ASP A 144 -12.25 21.35 14.66
N SER A 145 -11.41 21.38 13.63
CA SER A 145 -11.50 20.48 12.47
C SER A 145 -10.43 19.40 12.53
N HIS A 146 -9.96 19.08 13.75
CA HIS A 146 -8.87 18.12 13.89
C HIS A 146 -9.20 16.78 13.26
N ALA A 147 -10.49 16.43 13.21
CA ALA A 147 -10.91 15.23 12.51
C ALA A 147 -11.09 15.53 11.02
N LEU A 148 -10.09 16.15 10.42
CA LEU A 148 -10.06 16.33 8.97
C LEU A 148 -8.74 15.81 8.43
N LYS A 149 -7.69 15.87 9.24
CA LYS A 149 -6.45 15.19 8.89
C LYS A 149 -6.63 13.68 8.78
N PRO A 150 -7.27 12.99 9.74
CA PRO A 150 -7.52 11.56 9.52
C PRO A 150 -8.53 11.32 8.41
N MET A 151 -9.60 12.12 8.35
CA MET A 151 -10.62 11.94 7.33
C MET A 151 -10.01 11.98 5.93
N ALA A 152 -9.16 12.97 5.68
CA ALA A 152 -8.43 13.03 4.42
C ALA A 152 -7.73 11.71 4.16
N GLN A 153 -6.96 11.22 5.14
CA GLN A 153 -6.31 9.93 4.99
C GLN A 153 -7.33 8.84 4.68
N SER A 154 -8.44 8.83 5.43
CA SER A 154 -9.49 7.87 5.15
C SER A 154 -9.95 7.96 3.72
N ILE A 155 -10.16 9.20 3.23
CA ILE A 155 -10.57 9.38 1.84
C ILE A 155 -9.57 8.71 0.91
N TYR A 156 -8.28 8.93 1.16
CA TYR A 156 -7.26 8.28 0.35
C TYR A 156 -7.47 6.77 0.36
N LEU A 157 -7.61 6.17 1.54
CA LEU A 157 -7.88 4.75 1.61
C LEU A 157 -9.14 4.40 0.83
N ALA A 158 -10.21 5.18 1.05
CA ALA A 158 -11.44 4.93 0.30
C ALA A 158 -11.18 4.98 -1.19
N GLY A 159 -10.38 5.96 -1.63
CA GLY A 159 -10.03 6.02 -3.04
C GLY A 159 -9.47 4.72 -3.53
N ILE A 160 -8.46 4.19 -2.83
CA ILE A 160 -7.85 2.93 -3.25
C ILE A 160 -8.92 1.85 -3.32
N LEU A 161 -9.79 1.80 -2.32
CA LEU A 161 -10.93 0.89 -2.36
C LEU A 161 -11.67 1.03 -3.68
N VAL A 162 -12.18 2.23 -3.93
CA VAL A 162 -12.91 2.46 -5.18
C VAL A 162 -12.02 2.16 -6.36
N GLY A 163 -10.73 2.53 -6.26
CA GLY A 163 -9.81 2.24 -7.34
C GLY A 163 -9.84 0.78 -7.73
N ALA A 164 -9.72 -0.10 -6.73
CA ALA A 164 -9.75 -1.53 -7.02
C ALA A 164 -11.07 -1.90 -7.68
N ALA A 165 -12.18 -1.40 -7.15
CA ALA A 165 -13.49 -1.73 -7.68
C ALA A 165 -13.64 -1.34 -9.13
N VAL A 166 -12.84 -0.39 -9.62
CA VAL A 166 -12.88 0.00 -11.02
C VAL A 166 -11.59 -0.33 -11.75
N CYS A 167 -10.54 -0.76 -11.06
CA CYS A 167 -9.31 -1.17 -11.74
C CYS A 167 -9.05 -2.66 -11.65
N GLY A 168 -9.78 -3.38 -10.81
CA GLY A 168 -9.70 -4.82 -10.78
C GLY A 168 -10.38 -5.43 -11.99
N PRO A 169 -11.70 -5.29 -12.08
CA PRO A 169 -12.40 -5.82 -13.25
C PRO A 169 -11.95 -5.20 -14.57
N ALA A 170 -11.65 -3.91 -14.58
CA ALA A 170 -11.27 -3.25 -15.82
C ALA A 170 -9.99 -3.85 -16.39
N SER A 171 -9.00 -4.11 -15.53
CA SER A 171 -7.77 -4.73 -15.98
C SER A 171 -8.01 -6.13 -16.52
N ASP A 172 -9.10 -6.78 -16.13
CA ASP A 172 -9.45 -8.09 -16.65
C ASP A 172 -10.28 -8.02 -17.92
N ARG A 173 -10.52 -6.83 -18.45
CA ARG A 173 -11.26 -6.67 -19.69
C ARG A 173 -10.51 -5.89 -20.76
N PHE A 174 -9.59 -5.00 -20.37
CA PHE A 174 -8.91 -4.13 -21.33
C PHE A 174 -7.40 -4.27 -21.33
N GLY A 175 -6.81 -4.82 -20.29
CA GLY A 175 -5.38 -5.09 -20.29
C GLY A 175 -4.78 -4.95 -18.91
N ARG A 176 -3.71 -5.72 -18.68
CA ARG A 176 -2.94 -5.58 -17.46
C ARG A 176 -2.03 -4.36 -17.51
N ARG A 177 -1.52 -4.01 -18.69
CA ARG A 177 -0.61 -2.90 -18.83
C ARG A 177 -1.30 -1.60 -19.23
N LEU A 178 -2.42 -1.66 -19.95
CA LEU A 178 -3.11 -0.43 -20.31
C LEU A 178 -3.57 0.30 -19.05
N VAL A 179 -4.16 -0.44 -18.11
CA VAL A 179 -4.57 0.15 -16.85
C VAL A 179 -3.36 0.63 -16.07
N LEU A 180 -2.24 -0.10 -16.16
CA LEU A 180 -1.04 0.32 -15.45
C LEU A 180 -0.52 1.65 -15.99
N THR A 181 -0.48 1.80 -17.31
CA THR A 181 0.02 3.03 -17.92
C THR A 181 -0.89 4.21 -17.61
N TRP A 182 -2.19 4.03 -17.78
CA TRP A 182 -3.09 5.14 -17.50
C TRP A 182 -3.19 5.43 -16.01
N SER A 183 -2.94 4.44 -15.15
CA SER A 183 -2.86 4.70 -13.72
C SER A 183 -1.59 5.44 -13.35
N TYR A 184 -0.48 5.17 -14.04
CA TYR A 184 0.71 5.99 -13.86
C TYR A 184 0.42 7.44 -14.22
N LEU A 185 -0.22 7.66 -15.36
CA LEU A 185 -0.54 9.03 -15.77
C LEU A 185 -1.47 9.69 -14.78
N GLN A 186 -2.50 8.97 -14.32
CA GLN A 186 -3.44 9.55 -13.36
C GLN A 186 -2.77 9.84 -12.02
N MET A 187 -1.87 8.96 -11.57
CA MET A 187 -1.11 9.24 -10.35
C MET A 187 -0.32 10.52 -10.50
N ALA A 188 0.39 10.67 -11.63
CA ALA A 188 1.20 11.86 -11.83
C ALA A 188 0.34 13.12 -11.84
N VAL A 189 -0.75 13.11 -12.63
CA VAL A 189 -1.57 14.29 -12.77
C VAL A 189 -2.27 14.64 -11.45
N SER A 190 -2.83 13.64 -10.78
CA SER A 190 -3.52 13.89 -9.52
C SER A 190 -2.56 14.36 -8.45
N GLY A 191 -1.35 13.80 -8.40
CA GLY A 191 -0.38 14.29 -7.42
C GLY A 191 0.06 15.71 -7.68
N THR A 192 0.32 16.05 -8.95
CA THR A 192 0.70 17.42 -9.27
C THR A 192 -0.44 18.39 -9.01
N ALA A 193 -1.69 17.95 -9.19
CA ALA A 193 -2.82 18.83 -8.91
C ALA A 193 -3.05 18.99 -7.41
N ALA A 194 -2.87 17.91 -6.65
CA ALA A 194 -3.00 18.01 -5.20
C ALA A 194 -1.87 18.84 -4.59
N ALA A 195 -0.71 18.86 -5.23
CA ALA A 195 0.37 19.73 -4.77
C ALA A 195 0.07 21.20 -5.00
N PHE A 196 -0.97 21.53 -5.75
CA PHE A 196 -1.37 22.90 -6.01
C PHE A 196 -2.83 23.13 -5.66
N ALA A 197 -3.34 22.43 -4.65
CA ALA A 197 -4.74 22.55 -4.29
C ALA A 197 -4.97 23.87 -3.56
N PRO A 198 -5.95 24.68 -3.98
CA PRO A 198 -6.19 25.95 -3.30
C PRO A 198 -7.02 25.82 -2.03
N THR A 199 -7.89 24.81 -1.97
CA THR A 199 -8.74 24.59 -0.82
C THR A 199 -8.66 23.12 -0.41
N PHE A 200 -9.11 22.84 0.80
CA PHE A 200 -9.07 21.47 1.30
C PHE A 200 -9.93 20.51 0.49
N PRO A 201 -11.17 20.83 0.09
CA PRO A 201 -11.94 19.87 -0.72
C PRO A 201 -11.24 19.47 -2.00
N VAL A 202 -10.58 20.42 -2.67
CA VAL A 202 -9.84 20.09 -3.89
C VAL A 202 -8.70 19.14 -3.58
N TYR A 203 -8.00 19.37 -2.47
CA TYR A 203 -6.92 18.48 -2.08
C TYR A 203 -7.45 17.07 -1.81
N CYS A 204 -8.59 16.97 -1.12
CA CYS A 204 -9.18 15.66 -0.85
C CYS A 204 -9.62 14.97 -2.14
N LEU A 205 -10.21 15.71 -3.07
CA LEU A 205 -10.63 15.14 -4.34
C LEU A 205 -9.44 14.58 -5.11
N PHE A 206 -8.35 15.34 -5.17
CA PHE A 206 -7.22 14.88 -5.96
C PHE A 206 -6.43 13.79 -5.23
N ARG A 207 -6.44 13.77 -3.90
CA ARG A 207 -5.91 12.61 -3.19
C ARG A 207 -6.75 11.37 -3.48
N PHE A 208 -8.08 11.54 -3.58
CA PHE A 208 -8.94 10.42 -3.93
C PHE A 208 -8.60 9.87 -5.31
N LEU A 209 -8.44 10.76 -6.29
CA LEU A 209 -8.10 10.31 -7.65
C LEU A 209 -6.71 9.67 -7.70
N LEU A 210 -5.76 10.25 -6.97
CA LEU A 210 -4.44 9.63 -6.85
C LEU A 210 -4.53 8.25 -6.26
N ALA A 211 -5.39 8.05 -5.25
CA ALA A 211 -5.55 6.74 -4.64
C ALA A 211 -6.20 5.75 -5.60
N PHE A 212 -7.15 6.22 -6.41
CA PHE A 212 -7.71 5.41 -7.48
C PHE A 212 -6.60 4.86 -8.37
N ALA A 213 -5.75 5.77 -8.86
CA ALA A 213 -4.66 5.34 -9.72
C ALA A 213 -3.64 4.50 -8.97
N VAL A 214 -3.50 4.71 -7.66
CA VAL A 214 -2.58 3.91 -6.85
C VAL A 214 -3.05 2.46 -6.81
N ALA A 215 -4.34 2.25 -6.60
CA ALA A 215 -4.89 0.91 -6.62
C ALA A 215 -4.64 0.25 -7.96
N GLY A 216 -4.91 1.00 -9.04
CA GLY A 216 -4.64 0.45 -10.37
C GLY A 216 -3.19 0.03 -10.54
N VAL A 217 -2.25 0.91 -10.15
CA VAL A 217 -0.83 0.63 -10.33
C VAL A 217 -0.42 -0.58 -9.52
N MET A 218 -0.82 -0.63 -8.24
CA MET A 218 -0.39 -1.73 -7.38
C MET A 218 -0.86 -3.06 -7.94
N MET A 219 -2.15 -3.17 -8.22
CA MET A 219 -2.67 -4.47 -8.68
C MET A 219 -2.06 -4.87 -10.02
N ASN A 220 -1.98 -3.92 -10.96
CA ASN A 220 -1.47 -4.26 -12.28
C ASN A 220 0.00 -4.59 -12.24
N THR A 221 0.78 -3.90 -11.41
CA THR A 221 2.19 -4.23 -11.26
C THR A 221 2.38 -5.64 -10.73
N GLY A 222 1.66 -5.97 -9.65
CA GLY A 222 1.77 -7.30 -9.09
C GLY A 222 1.41 -8.38 -10.10
N THR A 223 0.28 -8.21 -10.77
CA THR A 223 -0.16 -9.21 -11.74
C THR A 223 0.80 -9.31 -12.92
N LEU A 224 1.26 -8.18 -13.45
CA LEU A 224 2.14 -8.19 -14.60
C LEU A 224 3.48 -8.84 -14.29
N LEU A 225 3.97 -8.69 -13.07
CA LEU A 225 5.15 -9.45 -12.67
C LEU A 225 4.81 -10.93 -12.47
N MET A 226 3.59 -11.22 -12.05
CA MET A 226 3.19 -12.61 -11.79
C MET A 226 3.15 -13.43 -13.08
N GLU A 227 2.72 -12.82 -14.18
CA GLU A 227 2.38 -13.55 -15.40
C GLU A 227 3.48 -13.53 -16.46
N TRP A 228 4.64 -12.96 -16.16
CA TRP A 228 5.73 -12.93 -17.13
C TRP A 228 6.99 -13.64 -16.67
N THR A 229 7.06 -14.09 -15.42
CA THR A 229 8.23 -14.78 -14.90
C THR A 229 7.89 -16.26 -14.70
N SER A 230 8.79 -17.13 -15.12
CA SER A 230 8.60 -18.56 -14.93
C SER A 230 8.60 -18.88 -13.44
N ALA A 231 7.92 -19.96 -13.05
CA ALA A 231 7.75 -20.26 -11.60
C ALA A 231 9.10 -20.33 -10.89
N ARG A 232 10.15 -20.71 -11.61
CA ARG A 232 11.49 -20.83 -10.98
C ARG A 232 11.79 -19.57 -10.17
N ALA A 233 11.62 -18.39 -10.79
CA ALA A 233 11.93 -17.13 -10.10
C ALA A 233 10.70 -16.24 -10.11
N ARG A 234 9.54 -16.83 -9.83
CA ARG A 234 8.33 -16.04 -9.70
C ARG A 234 8.17 -15.49 -8.28
N PRO A 235 8.33 -16.31 -7.24
CA PRO A 235 8.33 -15.75 -5.89
C PRO A 235 9.41 -14.71 -5.67
N LEU A 236 10.57 -14.86 -6.31
CA LEU A 236 11.63 -13.88 -6.14
C LEU A 236 11.22 -12.51 -6.68
N VAL A 237 10.65 -12.46 -7.88
CA VAL A 237 10.26 -11.18 -8.45
C VAL A 237 9.07 -10.59 -7.70
N MET A 238 8.16 -11.44 -7.22
CA MET A 238 7.07 -10.91 -6.40
C MET A 238 7.60 -10.36 -5.08
N THR A 239 8.61 -11.00 -4.50
CA THR A 239 9.24 -10.48 -3.29
C THR A 239 9.96 -9.17 -3.55
N LEU A 240 10.62 -9.04 -4.70
CA LEU A 240 11.23 -7.76 -5.06
C LEU A 240 10.18 -6.67 -5.21
N ASN A 241 9.06 -6.99 -5.87
CA ASN A 241 7.99 -6.02 -5.98
C ASN A 241 7.46 -5.60 -4.61
N SER A 242 7.30 -6.57 -3.70
CA SER A 242 6.84 -6.23 -2.36
C SER A 242 7.87 -5.42 -1.59
N LEU A 243 9.15 -5.73 -1.76
CA LEU A 243 10.23 -4.93 -1.19
C LEU A 243 10.26 -3.53 -1.77
N GLY A 244 9.61 -3.33 -2.92
CA GLY A 244 9.41 -1.97 -3.41
C GLY A 244 8.79 -1.07 -2.35
N PHE A 245 7.75 -1.56 -1.67
CA PHE A 245 7.14 -0.79 -0.60
C PHE A 245 8.09 -0.61 0.57
N SER A 246 8.87 -1.64 0.89
CA SER A 246 9.80 -1.56 2.01
C SER A 246 10.85 -0.48 1.78
N PHE A 247 11.36 -0.38 0.55
CA PHE A 247 12.32 0.67 0.23
C PHE A 247 11.63 2.03 0.05
N GLY A 248 10.36 2.03 -0.36
CA GLY A 248 9.63 3.28 -0.40
C GLY A 248 9.39 3.86 0.98
N HIS A 249 9.32 3.01 2.00
CA HIS A 249 9.21 3.50 3.37
C HIS A 249 10.44 4.28 3.80
N GLY A 250 11.60 4.04 3.18
CA GLY A 250 12.79 4.81 3.48
C GLY A 250 12.94 5.98 2.53
N LEU A 251 12.50 5.79 1.28
CA LEU A 251 12.52 6.88 0.32
C LEU A 251 11.61 8.02 0.75
N THR A 252 10.47 7.69 1.38
CA THR A 252 9.60 8.72 1.92
C THR A 252 10.35 9.59 2.91
N ALA A 253 11.05 8.96 3.85
CA ALA A 253 11.80 9.72 4.85
C ALA A 253 12.90 10.54 4.19
N ALA A 254 13.58 9.97 3.20
CA ALA A 254 14.66 10.70 2.53
C ALA A 254 14.14 11.95 1.84
N VAL A 255 13.07 11.81 1.06
CA VAL A 255 12.53 12.95 0.31
C VAL A 255 11.90 13.97 1.26
N ALA A 256 11.21 13.51 2.30
CA ALA A 256 10.60 14.43 3.24
C ALA A 256 11.66 15.14 4.09
N TYR A 257 12.82 14.53 4.28
CA TYR A 257 13.92 15.22 4.93
C TYR A 257 14.52 16.26 4.01
N GLY A 258 14.72 15.92 2.74
CA GLY A 258 15.24 16.90 1.80
C GLY A 258 14.25 18.02 1.53
N VAL A 259 12.98 17.68 1.35
CA VAL A 259 11.94 18.63 0.96
C VAL A 259 10.93 18.73 2.11
N ARG A 260 10.80 19.92 2.68
CA ARG A 260 9.96 20.13 3.86
C ARG A 260 8.57 20.64 3.53
N ASP A 261 8.44 21.57 2.59
CA ASP A 261 7.13 22.11 2.25
C ASP A 261 6.27 21.02 1.64
N TRP A 262 5.00 20.98 2.04
CA TRP A 262 4.11 19.92 1.55
C TRP A 262 3.86 20.04 0.06
N THR A 263 3.78 21.28 -0.45
CA THR A 263 3.57 21.46 -1.88
C THR A 263 4.72 20.88 -2.69
N LEU A 264 5.95 21.28 -2.35
CA LEU A 264 7.11 20.79 -3.08
C LEU A 264 7.31 19.30 -2.88
N LEU A 265 7.03 18.80 -1.68
CA LEU A 265 7.13 17.36 -1.43
C LEU A 265 6.17 16.58 -2.32
N GLN A 266 4.91 17.01 -2.37
CA GLN A 266 3.92 16.31 -3.20
C GLN A 266 4.29 16.38 -4.67
N LEU A 267 4.72 17.55 -5.14
CA LEU A 267 5.09 17.71 -6.54
C LEU A 267 6.30 16.83 -6.89
N ALA A 268 7.30 16.79 -6.01
CA ALA A 268 8.50 16.02 -6.26
C ALA A 268 8.27 14.52 -6.15
N VAL A 269 7.25 14.11 -5.42
CA VAL A 269 6.87 12.70 -5.43
C VAL A 269 5.98 12.35 -6.62
N SER A 270 5.25 13.31 -7.17
CA SER A 270 4.33 13.03 -8.27
C SER A 270 4.98 13.07 -9.65
N VAL A 271 6.01 13.90 -9.85
CA VAL A 271 6.72 13.91 -11.13
C VAL A 271 7.29 12.53 -11.51
N PRO A 272 7.88 11.74 -10.58
CA PRO A 272 8.39 10.42 -10.97
C PRO A 272 7.34 9.56 -11.63
N PHE A 273 6.06 9.80 -11.38
CA PHE A 273 5.04 9.04 -12.07
C PHE A 273 4.76 9.57 -13.46
N PHE A 274 5.05 10.84 -13.74
CA PHE A 274 5.13 11.25 -15.14
C PHE A 274 6.23 10.47 -15.85
N LEU A 275 7.37 10.30 -15.19
CA LEU A 275 8.43 9.48 -15.80
C LEU A 275 7.99 8.03 -15.96
N CYS A 276 7.28 7.49 -14.96
CA CYS A 276 6.83 6.10 -15.01
C CYS A 276 5.83 5.89 -16.14
N PHE A 277 4.89 6.83 -16.33
CA PHE A 277 4.00 6.74 -17.47
C PHE A 277 4.78 6.85 -18.78
N LEU A 278 5.79 7.71 -18.82
CA LEU A 278 6.56 7.89 -20.05
C LEU A 278 7.25 6.59 -20.46
N TYR A 279 7.86 5.89 -19.50
CA TYR A 279 8.55 4.65 -19.86
C TYR A 279 7.64 3.44 -19.85
N SER A 280 6.41 3.56 -19.35
CA SER A 280 5.53 2.41 -19.22
C SER A 280 5.03 1.87 -20.55
N TRP A 281 5.23 2.61 -21.64
CA TRP A 281 4.82 2.14 -22.94
C TRP A 281 5.78 1.13 -23.54
N TRP A 282 6.93 0.91 -22.91
CA TRP A 282 7.89 -0.09 -23.36
C TRP A 282 7.69 -1.44 -22.68
N LEU A 283 6.77 -1.55 -21.75
CA LEU A 283 6.47 -2.85 -21.17
C LEU A 283 5.65 -3.68 -22.16
N ALA A 284 5.47 -4.96 -21.83
CA ALA A 284 4.73 -5.88 -22.66
C ALA A 284 3.44 -6.27 -21.96
N GLU A 285 2.34 -6.23 -22.70
CA GLU A 285 1.07 -6.70 -22.16
C GLU A 285 1.18 -8.18 -21.84
N SER A 286 0.71 -8.57 -20.65
CA SER A 286 0.92 -9.93 -20.18
C SER A 286 0.34 -10.94 -21.15
N ALA A 287 1.21 -11.71 -21.81
CA ALA A 287 0.74 -12.63 -22.84
C ALA A 287 -0.14 -13.73 -22.28
N ARG A 288 -0.03 -14.04 -20.99
CA ARG A 288 -0.95 -15.01 -20.40
C ARG A 288 -2.38 -14.52 -20.47
N TRP A 289 -2.62 -13.28 -20.03
CA TRP A 289 -3.95 -12.72 -20.14
C TRP A 289 -4.36 -12.53 -21.59
N LEU A 290 -3.42 -12.09 -22.43
CA LEU A 290 -3.73 -11.84 -23.83
C LEU A 290 -4.22 -13.11 -24.52
N LEU A 291 -3.44 -14.19 -24.42
CA LEU A 291 -3.83 -15.45 -25.05
C LEU A 291 -4.97 -16.14 -24.33
N THR A 292 -5.16 -15.87 -23.04
CA THR A 292 -6.27 -16.46 -22.31
C THR A 292 -7.61 -16.05 -22.90
N THR A 293 -7.76 -14.76 -23.20
CA THR A 293 -8.99 -14.25 -23.78
C THR A 293 -8.98 -14.53 -25.29
N GLY A 294 -9.90 -13.92 -26.01
CA GLY A 294 -10.03 -14.17 -27.43
C GLY A 294 -8.96 -13.56 -28.30
N ARG A 295 -8.01 -12.84 -27.70
CA ARG A 295 -6.96 -12.17 -28.46
C ARG A 295 -5.78 -13.09 -28.65
N LEU A 296 -5.34 -13.23 -29.88
CA LEU A 296 -4.20 -14.10 -30.16
C LEU A 296 -3.10 -13.39 -30.92
N ASP A 297 -3.44 -12.50 -31.86
CA ASP A 297 -2.41 -11.74 -32.57
C ASP A 297 -1.66 -10.81 -31.62
N ARG A 298 -2.38 -10.19 -30.68
CA ARG A 298 -1.71 -9.33 -29.71
C ARG A 298 -0.77 -10.14 -28.82
N GLY A 299 -1.22 -11.29 -28.34
CA GLY A 299 -0.36 -12.13 -27.52
C GLY A 299 0.86 -12.63 -28.28
N LEU A 300 0.65 -13.00 -29.55
CA LEU A 300 1.78 -13.41 -30.38
C LEU A 300 2.77 -12.27 -30.55
N GLN A 301 2.29 -11.05 -30.80
CA GLN A 301 3.19 -9.93 -30.97
C GLN A 301 3.96 -9.63 -29.69
N GLU A 302 3.29 -9.71 -28.54
CA GLU A 302 3.98 -9.45 -27.27
C GLU A 302 5.03 -10.52 -27.01
N LEU A 303 4.72 -11.78 -27.29
CA LEU A 303 5.71 -12.84 -27.11
C LEU A 303 6.90 -12.65 -28.05
N ARG A 304 6.63 -12.29 -29.30
CA ARG A 304 7.72 -12.06 -30.25
C ARG A 304 8.58 -10.88 -29.81
N ARG A 305 7.96 -9.83 -29.29
CA ARG A 305 8.73 -8.68 -28.82
C ARG A 305 9.57 -9.03 -27.60
N VAL A 306 9.04 -9.83 -26.68
CA VAL A 306 9.82 -10.24 -25.51
C VAL A 306 10.97 -11.14 -25.93
N ALA A 307 10.74 -12.01 -26.92
CA ALA A 307 11.84 -12.81 -27.46
C ALA A 307 12.90 -11.94 -28.08
N ALA A 308 12.50 -10.87 -28.78
CA ALA A 308 13.47 -9.97 -29.40
C ALA A 308 14.21 -9.15 -28.37
N ILE A 309 13.57 -8.82 -27.25
CA ILE A 309 14.23 -8.00 -26.23
C ILE A 309 15.38 -8.78 -25.60
N ASN A 310 15.14 -10.02 -25.18
CA ASN A 310 16.18 -10.82 -24.53
C ASN A 310 16.88 -11.74 -25.51
N GLY A 311 16.94 -11.37 -26.78
CA GLY A 311 17.84 -11.99 -27.73
C GLY A 311 17.63 -13.46 -28.02
N LYS A 312 16.38 -13.87 -28.24
CA LYS A 312 16.09 -15.22 -28.70
C LYS A 312 16.04 -15.18 -30.23
N ARG A 313 17.01 -15.84 -30.87
CA ARG A 313 17.24 -15.64 -32.29
C ARG A 313 16.25 -16.41 -33.16
N ALA A 314 16.27 -17.74 -33.08
CA ALA A 314 15.46 -18.55 -33.99
C ALA A 314 13.99 -18.53 -33.60
N VAL A 315 13.68 -18.64 -32.31
CA VAL A 315 12.30 -18.78 -31.87
C VAL A 315 11.50 -17.48 -31.97
N GLN A 316 12.17 -16.35 -32.24
CA GLN A 316 11.42 -15.12 -32.48
C GLN A 316 10.55 -15.25 -33.72
N ASP A 317 11.10 -15.84 -34.79
CA ASP A 317 10.31 -16.14 -35.98
C ASP A 317 9.67 -17.51 -35.93
N THR A 318 10.12 -18.38 -35.02
CA THR A 318 9.51 -19.70 -34.82
C THR A 318 8.41 -19.66 -33.77
N LEU A 319 7.84 -18.49 -33.51
CA LEU A 319 6.66 -18.33 -32.66
C LEU A 319 5.41 -18.17 -33.50
N THR A 320 5.33 -18.86 -34.64
CA THR A 320 4.23 -18.69 -35.57
C THR A 320 2.90 -19.09 -34.92
N PRO A 321 1.79 -18.55 -35.40
CA PRO A 321 0.49 -18.88 -34.78
C PRO A 321 0.19 -20.37 -34.77
N GLU A 322 0.78 -21.15 -35.68
CA GLU A 322 0.64 -22.60 -35.59
C GLU A 322 1.19 -23.12 -34.28
N VAL A 323 2.37 -22.64 -33.87
CA VAL A 323 2.96 -23.07 -32.60
C VAL A 323 2.09 -22.63 -31.43
N LEU A 324 1.59 -21.40 -31.48
CA LEU A 324 0.76 -20.90 -30.40
C LEU A 324 -0.52 -21.71 -30.26
N LEU A 325 -1.13 -22.09 -31.39
CA LEU A 325 -2.30 -22.96 -31.33
C LEU A 325 -1.93 -24.37 -30.86
N SER A 326 -0.73 -24.84 -31.20
CA SER A 326 -0.25 -26.10 -30.64
C SER A 326 -0.10 -26.01 -29.13
N ALA A 327 0.16 -24.82 -28.59
CA ALA A 327 0.12 -24.62 -27.15
C ALA A 327 -1.30 -24.62 -26.61
N MET A 328 -2.31 -24.62 -27.47
CA MET A 328 -3.71 -24.73 -27.09
C MET A 328 -4.13 -23.58 -26.17
N ARG A 329 -4.05 -22.36 -26.71
CA ARG A 329 -4.48 -21.18 -25.97
C ARG A 329 -5.26 -20.24 -26.86
N PRO A 338 -18.80 -10.91 -17.03
CA PRO A 338 -17.47 -11.01 -17.65
C PRO A 338 -16.39 -10.29 -16.85
N ALA A 339 -15.96 -10.90 -15.75
CA ALA A 339 -14.94 -10.34 -14.87
C ALA A 339 -15.33 -8.95 -14.40
N SER A 340 -16.41 -8.89 -13.62
CA SER A 340 -16.92 -7.62 -13.12
C SER A 340 -17.36 -7.72 -11.66
N LEU A 341 -16.67 -8.55 -10.88
CA LEU A 341 -16.94 -8.73 -9.45
C LEU A 341 -18.28 -9.39 -9.19
N GLY A 342 -19.07 -9.61 -10.24
CA GLY A 342 -20.33 -10.31 -10.11
C GLY A 342 -20.24 -11.80 -10.37
N THR A 343 -19.12 -12.25 -10.96
CA THR A 343 -18.88 -13.66 -11.20
C THR A 343 -17.95 -14.29 -10.19
N LEU A 344 -16.97 -13.54 -9.70
CA LEU A 344 -15.99 -14.10 -8.77
C LEU A 344 -16.63 -14.56 -7.47
N LEU A 345 -17.40 -13.68 -6.83
CA LEU A 345 -17.90 -13.98 -5.49
C LEU A 345 -19.07 -14.95 -5.50
N ARG A 346 -19.58 -15.33 -6.67
CA ARG A 346 -20.56 -16.42 -6.76
C ARG A 346 -20.16 -17.27 -7.97
N THR A 347 -19.32 -18.26 -7.71
CA THR A 347 -18.86 -19.23 -8.69
C THR A 347 -18.51 -20.52 -7.96
N PRO A 348 -19.14 -21.65 -8.33
CA PRO A 348 -18.94 -22.88 -7.54
C PRO A 348 -17.50 -23.31 -7.44
N GLY A 349 -16.68 -23.03 -8.47
CA GLY A 349 -15.31 -23.50 -8.44
C GLY A 349 -14.47 -22.86 -7.36
N LEU A 350 -14.61 -21.55 -7.17
CA LEU A 350 -13.76 -20.79 -6.26
C LEU A 350 -14.61 -19.87 -5.39
N ARG A 351 -15.06 -20.40 -4.25
CA ARG A 351 -15.71 -19.58 -3.24
C ARG A 351 -14.93 -19.54 -1.93
N LEU A 352 -14.35 -20.67 -1.52
CA LEU A 352 -13.47 -20.64 -0.35
C LEU A 352 -12.21 -19.84 -0.65
N ARG A 353 -11.68 -19.97 -1.87
CA ARG A 353 -10.48 -19.23 -2.25
C ARG A 353 -10.71 -17.72 -2.13
N THR A 354 -11.78 -17.22 -2.74
CA THR A 354 -12.00 -15.77 -2.75
C THR A 354 -12.27 -15.24 -1.36
N CYS A 355 -13.14 -15.91 -0.60
CA CYS A 355 -13.48 -15.40 0.73
C CYS A 355 -12.28 -15.45 1.66
N ILE A 356 -11.51 -16.53 1.63
CA ILE A 356 -10.36 -16.63 2.53
C ILE A 356 -9.26 -15.67 2.10
N SER A 357 -9.03 -15.51 0.79
CA SER A 357 -8.02 -14.57 0.33
C SER A 357 -8.38 -13.14 0.69
N THR A 358 -9.65 -12.76 0.52
CA THR A 358 -10.05 -11.42 0.89
C THR A 358 -10.03 -11.25 2.41
N LEU A 359 -10.28 -12.31 3.17
CA LEU A 359 -10.15 -12.24 4.62
C LEU A 359 -8.70 -11.98 5.03
N CYS A 360 -7.76 -12.68 4.39
CA CYS A 360 -6.35 -12.46 4.69
C CYS A 360 -5.90 -11.07 4.28
N TRP A 361 -6.41 -10.58 3.13
CA TRP A 361 -6.15 -9.20 2.74
C TRP A 361 -6.67 -8.22 3.78
N PHE A 362 -7.88 -8.46 4.28
CA PHE A 362 -8.45 -7.59 5.31
C PHE A 362 -7.60 -7.62 6.57
N ALA A 363 -7.14 -8.80 6.97
CA ALA A 363 -6.29 -8.88 8.15
C ALA A 363 -4.99 -8.11 7.95
N PHE A 364 -4.38 -8.24 6.78
CA PHE A 364 -3.17 -7.48 6.51
C PHE A 364 -3.42 -5.99 6.60
N GLY A 365 -4.49 -5.51 5.95
CA GLY A 365 -4.76 -4.08 5.99
C GLY A 365 -5.04 -3.58 7.39
N PHE A 366 -5.95 -4.26 8.10
CA PHE A 366 -6.24 -3.99 9.49
C PHE A 366 -4.96 -3.83 10.31
N THR A 367 -4.16 -4.89 10.37
CA THR A 367 -3.00 -4.90 11.25
C THR A 367 -1.94 -3.92 10.79
N PHE A 368 -1.66 -3.87 9.48
CA PHE A 368 -0.59 -3.01 9.00
C PHE A 368 -0.90 -1.55 9.24
N PHE A 369 -2.13 -1.12 8.98
CA PHE A 369 -2.45 0.28 9.16
C PHE A 369 -2.92 0.61 10.57
N GLY A 370 -2.99 -0.39 11.45
CA GLY A 370 -3.05 -0.10 12.86
C GLY A 370 -1.70 -0.19 13.54
N LEU A 371 -0.70 -0.71 12.83
CA LEU A 371 0.63 -0.91 13.40
C LEU A 371 1.70 0.00 12.82
N ALA A 372 1.48 0.60 11.65
CA ALA A 372 2.48 1.50 11.09
C ALA A 372 2.70 2.71 12.00
N LEU A 373 1.62 3.27 12.53
CA LEU A 373 1.71 4.38 13.47
C LEU A 373 1.91 3.91 14.91
N ASP A 374 2.00 2.59 15.13
CA ASP A 374 2.19 2.05 16.47
C ASP A 374 3.65 2.01 16.90
N LEU A 375 4.57 2.41 16.02
CA LEU A 375 5.98 2.49 16.39
C LEU A 375 6.36 3.87 16.93
N GLN A 376 5.40 4.77 17.12
CA GLN A 376 5.71 6.09 17.65
C GLN A 376 6.29 6.02 19.04
N ALA A 377 5.92 4.99 19.81
CA ALA A 377 6.47 4.83 21.15
C ALA A 377 7.93 4.40 21.13
N LEU A 378 8.42 3.90 19.99
CA LEU A 378 9.83 3.48 19.91
C LEU A 378 10.76 4.67 19.87
N GLY A 379 10.37 5.74 19.17
CA GLY A 379 11.21 6.92 19.06
C GLY A 379 10.40 8.15 18.75
N SER A 380 10.89 9.29 19.21
CA SER A 380 10.20 10.56 18.97
C SER A 380 10.42 11.06 17.55
N ASN A 381 11.56 10.75 16.95
CA ASN A 381 11.84 11.23 15.60
C ASN A 381 10.87 10.63 14.60
N ILE A 382 10.52 11.41 13.58
CA ILE A 382 9.49 11.03 12.62
C ILE A 382 10.08 10.38 11.38
N PHE A 383 11.21 10.89 10.90
CA PHE A 383 11.88 10.27 9.75
C PHE A 383 12.47 8.92 10.13
N LEU A 384 13.03 8.84 11.34
CA LEU A 384 13.59 7.58 11.81
C LEU A 384 12.54 6.49 11.89
N LEU A 385 11.28 6.86 12.14
CA LEU A 385 10.23 5.84 12.16
C LEU A 385 9.97 5.25 10.79
N GLN A 386 9.94 6.09 9.75
CA GLN A 386 9.79 5.57 8.39
C GLN A 386 10.99 4.71 8.01
N VAL A 387 12.19 5.17 8.34
CA VAL A 387 13.38 4.37 8.03
C VAL A 387 13.33 3.04 8.77
N LEU A 388 12.84 3.06 10.01
CA LEU A 388 12.74 1.83 10.80
C LEU A 388 11.71 0.87 10.19
N ILE A 389 10.57 1.40 9.75
CA ILE A 389 9.57 0.54 9.12
C ILE A 389 10.15 -0.12 7.87
N GLY A 390 10.86 0.65 7.05
CA GLY A 390 11.48 0.06 5.88
C GLY A 390 12.53 -0.98 6.23
N VAL A 391 13.37 -0.69 7.23
CA VAL A 391 14.47 -1.58 7.58
C VAL A 391 14.02 -2.80 8.37
N VAL A 392 12.79 -2.81 8.88
CA VAL A 392 12.24 -4.02 9.49
C VAL A 392 11.31 -4.77 8.54
N ASP A 393 10.86 -4.13 7.46
CA ASP A 393 10.13 -4.87 6.42
C ASP A 393 11.06 -5.52 5.41
N ILE A 394 12.27 -5.00 5.22
CA ILE A 394 13.23 -5.65 4.31
C ILE A 394 13.55 -7.08 4.76
N PRO A 395 14.08 -7.30 5.97
CA PRO A 395 14.39 -8.68 6.36
C PRO A 395 13.16 -9.51 6.60
N ALA A 396 12.03 -8.90 6.95
CA ALA A 396 10.78 -9.65 7.05
C ALA A 396 10.40 -10.25 5.72
N LYS A 397 10.49 -9.47 4.64
CA LYS A 397 10.14 -9.99 3.33
C LYS A 397 11.18 -10.97 2.80
N MET A 398 12.46 -10.76 3.12
CA MET A 398 13.46 -11.76 2.74
C MET A 398 13.20 -13.08 3.46
N GLY A 399 12.90 -13.02 4.75
CA GLY A 399 12.59 -14.24 5.48
C GLY A 399 11.31 -14.91 5.00
N ALA A 400 10.32 -14.12 4.61
CA ALA A 400 9.11 -14.68 4.04
C ALA A 400 9.37 -15.35 2.71
N LEU A 401 10.21 -14.74 1.87
CA LEU A 401 10.57 -15.38 0.60
C LEU A 401 11.26 -16.71 0.84
N LEU A 402 12.22 -16.73 1.76
CA LEU A 402 12.89 -17.99 2.08
C LEU A 402 11.90 -19.01 2.64
N LEU A 403 11.01 -18.57 3.52
CA LEU A 403 10.07 -19.49 4.14
C LEU A 403 9.11 -20.09 3.12
N LEU A 404 8.59 -19.27 2.20
CA LEU A 404 7.65 -19.78 1.22
C LEU A 404 8.34 -20.62 0.16
N SER A 405 9.62 -20.35 -0.12
CA SER A 405 10.36 -21.23 -1.00
C SER A 405 10.84 -22.50 -0.31
N ARG A 406 10.74 -22.57 1.01
CA ARG A 406 11.06 -23.79 1.75
C ARG A 406 9.82 -24.50 2.27
N LEU A 407 8.90 -23.80 2.92
CA LEU A 407 7.70 -24.43 3.45
C LEU A 407 6.63 -24.58 2.38
N GLY A 408 6.16 -23.47 1.84
CA GLY A 408 5.03 -23.44 0.92
C GLY A 408 4.11 -22.29 1.27
N ARG A 409 3.28 -21.90 0.30
CA ARG A 409 2.53 -20.66 0.42
C ARG A 409 1.56 -20.70 1.60
N ARG A 410 0.84 -21.81 1.77
CA ARG A 410 -0.17 -21.85 2.83
C ARG A 410 0.45 -21.95 4.22
N PRO A 411 1.38 -22.87 4.50
CA PRO A 411 1.99 -22.85 5.84
C PRO A 411 2.69 -21.55 6.18
N THR A 412 3.38 -20.94 5.21
CA THR A 412 4.06 -19.68 5.51
C THR A 412 3.08 -18.54 5.70
N LEU A 413 1.96 -18.52 4.96
CA LEU A 413 0.97 -17.48 5.16
C LEU A 413 0.30 -17.63 6.52
N ALA A 414 -0.04 -18.86 6.89
CA ALA A 414 -0.61 -19.10 8.21
C ALA A 414 0.37 -18.70 9.31
N ALA A 415 1.65 -19.04 9.14
CA ALA A 415 2.66 -18.69 10.13
C ALA A 415 2.82 -17.19 10.26
N SER A 416 2.88 -16.48 9.13
CA SER A 416 3.09 -15.04 9.17
C SER A 416 1.89 -14.33 9.80
N LEU A 417 0.67 -14.71 9.40
CA LEU A 417 -0.51 -14.10 9.99
C LEU A 417 -0.63 -14.43 11.47
N LEU A 418 -0.35 -15.67 11.85
CA LEU A 418 -0.43 -16.05 13.26
C LEU A 418 0.61 -15.30 14.09
N LEU A 419 1.82 -15.15 13.57
CA LEU A 419 2.84 -14.40 14.29
C LEU A 419 2.44 -12.94 14.43
N ALA A 420 1.94 -12.33 13.35
CA ALA A 420 1.53 -10.93 13.42
C ALA A 420 0.34 -10.73 14.34
N GLY A 421 -0.52 -11.73 14.49
CA GLY A 421 -1.69 -11.58 15.32
C GLY A 421 -1.47 -12.02 16.75
N LEU A 422 -0.40 -12.79 17.00
CA LEU A 422 -0.07 -13.22 18.34
C LEU A 422 0.97 -12.34 19.00
N CYS A 423 1.78 -11.63 18.21
CA CYS A 423 2.65 -10.62 18.81
C CYS A 423 1.83 -9.54 19.51
N ILE A 424 0.68 -9.19 18.95
CA ILE A 424 -0.20 -8.20 19.60
C ILE A 424 -0.83 -8.79 20.85
N LEU A 425 -1.31 -10.03 20.77
CA LEU A 425 -1.94 -10.66 21.94
C LEU A 425 -0.95 -10.97 23.04
N ALA A 426 0.35 -11.02 22.74
CA ALA A 426 1.37 -11.11 23.77
C ALA A 426 1.84 -9.75 24.24
N ASN A 427 1.84 -8.76 23.34
CA ASN A 427 2.17 -7.39 23.70
C ASN A 427 1.15 -6.83 24.69
N THR A 428 -0.11 -7.24 24.57
CA THR A 428 -1.10 -6.80 25.55
C THR A 428 -0.92 -7.48 26.91
N LEU A 429 -0.05 -8.48 27.01
CA LEU A 429 0.24 -9.14 28.28
C LEU A 429 1.55 -8.71 28.91
N VAL A 430 2.34 -7.89 28.23
CA VAL A 430 3.66 -7.49 28.73
C VAL A 430 3.48 -6.66 30.00
N PRO A 431 4.29 -6.91 31.05
CA PRO A 431 4.11 -6.15 32.31
C PRO A 431 4.51 -4.69 32.19
N HIS A 432 4.82 -4.24 30.97
CA HIS A 432 5.23 -2.88 30.68
C HIS A 432 6.52 -2.53 31.44
N GLU A 433 7.57 -3.30 31.14
CA GLU A 433 8.92 -2.88 31.45
C GLU A 433 9.62 -2.28 30.24
N MET A 434 9.09 -2.54 29.03
CA MET A 434 9.53 -1.95 27.76
C MET A 434 11.05 -1.95 27.57
N GLY A 435 11.75 -2.84 28.26
CA GLY A 435 13.18 -2.95 28.07
C GLY A 435 13.56 -3.74 26.84
N ALA A 436 13.20 -5.02 26.82
CA ALA A 436 13.51 -5.88 25.68
C ALA A 436 12.37 -6.83 25.34
N LEU A 437 11.15 -6.51 25.75
CA LEU A 437 9.98 -7.32 25.44
C LEU A 437 8.93 -6.55 24.64
N ARG A 438 8.62 -5.32 25.05
CA ARG A 438 7.55 -4.56 24.40
C ARG A 438 7.92 -4.20 22.97
N SER A 439 9.11 -3.62 22.78
CA SER A 439 9.54 -3.23 21.44
C SER A 439 9.83 -4.45 20.58
N ALA A 440 10.36 -5.52 21.17
CA ALA A 440 10.65 -6.72 20.40
C ALA A 440 9.36 -7.30 19.81
N LEU A 441 8.30 -7.39 20.61
CA LEU A 441 7.04 -7.88 20.09
C LEU A 441 6.43 -6.89 19.11
N ALA A 442 6.56 -5.59 19.38
CA ALA A 442 6.01 -4.59 18.47
C ALA A 442 6.67 -4.66 17.09
N VAL A 443 7.95 -5.00 17.03
CA VAL A 443 8.63 -5.09 15.75
C VAL A 443 8.46 -6.46 15.11
N LEU A 444 8.31 -7.52 15.92
CA LEU A 444 7.99 -8.83 15.36
C LEU A 444 6.62 -8.83 14.72
N GLY A 445 5.67 -8.10 15.30
CA GLY A 445 4.37 -7.97 14.66
C GLY A 445 4.45 -7.32 13.30
N LEU A 446 5.24 -6.24 13.18
CA LEU A 446 5.41 -5.58 11.90
C LEU A 446 6.11 -6.49 10.89
N GLY A 447 7.12 -7.22 11.35
CA GLY A 447 7.77 -8.19 10.46
C GLY A 447 6.81 -9.25 9.97
N GLY A 448 5.97 -9.77 10.87
CA GLY A 448 4.97 -10.75 10.46
C GLY A 448 3.95 -10.18 9.50
N VAL A 449 3.56 -8.91 9.69
CA VAL A 449 2.62 -8.28 8.77
C VAL A 449 3.24 -8.13 7.40
N GLY A 450 4.50 -7.69 7.32
CA GLY A 450 5.15 -7.57 6.02
C GLY A 450 5.31 -8.92 5.34
N ALA A 451 5.68 -9.95 6.10
CA ALA A 451 5.75 -11.29 5.55
C ALA A 451 4.39 -11.76 5.05
N ALA A 452 3.34 -11.46 5.81
CA ALA A 452 1.99 -11.84 5.41
C ALA A 452 1.59 -11.15 4.12
N PHE A 453 1.96 -9.88 3.95
CA PHE A 453 1.63 -9.18 2.71
C PHE A 453 2.37 -9.80 1.53
N THR A 454 3.67 -10.01 1.67
CA THR A 454 4.41 -10.54 0.53
C THR A 454 4.04 -11.98 0.22
N CYS A 455 3.48 -12.72 1.17
CA CYS A 455 2.97 -14.04 0.88
C CYS A 455 1.56 -14.01 0.31
N ILE A 456 0.71 -13.09 0.78
CA ILE A 456 -0.67 -13.04 0.32
C ILE A 456 -0.75 -12.48 -1.09
N THR A 457 0.17 -11.60 -1.48
CA THR A 457 0.19 -11.16 -2.87
C THR A 457 0.42 -12.34 -3.81
N ILE A 458 1.44 -13.15 -3.51
CA ILE A 458 1.74 -14.32 -4.33
C ILE A 458 0.57 -15.30 -4.30
N TYR A 459 0.04 -15.57 -3.11
CA TYR A 459 -1.02 -16.55 -2.97
C TYR A 459 -2.27 -16.13 -3.73
N SER A 460 -2.66 -14.85 -3.61
CA SER A 460 -3.87 -14.38 -4.27
C SER A 460 -3.68 -14.31 -5.77
N SER A 461 -2.48 -13.95 -6.24
CA SER A 461 -2.25 -13.93 -7.68
C SER A 461 -2.26 -15.34 -8.26
N GLU A 462 -1.69 -16.30 -7.54
CA GLU A 462 -1.62 -17.67 -8.04
C GLU A 462 -2.87 -18.49 -7.75
N LEU A 463 -3.80 -17.96 -6.98
CA LEU A 463 -4.97 -18.70 -6.54
C LEU A 463 -6.19 -18.50 -7.43
N PHE A 464 -6.12 -17.60 -8.40
CA PHE A 464 -7.27 -17.26 -9.22
C PHE A 464 -6.94 -17.35 -10.70
N PRO A 465 -7.93 -17.66 -11.54
CA PRO A 465 -7.68 -17.71 -12.98
C PRO A 465 -7.30 -16.35 -13.52
N THR A 466 -6.54 -16.35 -14.61
CA THR A 466 -6.15 -15.10 -15.25
C THR A 466 -7.37 -14.30 -15.69
N VAL A 467 -8.47 -14.97 -15.98
CA VAL A 467 -9.71 -14.27 -16.31
C VAL A 467 -10.16 -13.40 -15.14
N LEU A 468 -10.06 -13.94 -13.91
CA LEU A 468 -10.53 -13.25 -12.72
C LEU A 468 -9.39 -12.90 -11.76
N ARG A 469 -8.14 -12.91 -12.23
CA ARG A 469 -7.04 -12.64 -11.33
C ARG A 469 -7.08 -11.21 -10.80
N MET A 470 -7.24 -10.24 -11.70
CA MET A 470 -7.24 -8.85 -11.26
C MET A 470 -8.53 -8.49 -10.55
N THR A 471 -9.65 -9.12 -10.90
CA THR A 471 -10.88 -8.90 -10.14
C THR A 471 -10.73 -9.37 -8.70
N ALA A 472 -10.10 -10.54 -8.50
CA ALA A 472 -9.94 -11.07 -7.16
C ALA A 472 -8.89 -10.29 -6.37
N VAL A 473 -7.81 -9.88 -7.02
CA VAL A 473 -6.84 -9.04 -6.34
C VAL A 473 -7.46 -7.67 -6.03
N GLY A 474 -8.37 -7.19 -6.87
CA GLY A 474 -9.10 -5.99 -6.55
C GLY A 474 -10.00 -6.14 -5.35
N LEU A 475 -10.68 -7.28 -5.25
CA LEU A 475 -11.47 -7.55 -4.05
C LEU A 475 -10.58 -7.61 -2.82
N GLY A 476 -9.40 -8.22 -2.95
CA GLY A 476 -8.46 -8.22 -1.85
C GLY A 476 -8.02 -6.82 -1.45
N GLN A 477 -7.73 -5.97 -2.42
CA GLN A 477 -7.34 -4.59 -2.12
C GLN A 477 -8.48 -3.82 -1.48
N MET A 478 -9.71 -4.05 -1.93
CA MET A 478 -10.86 -3.44 -1.29
C MET A 478 -10.97 -3.87 0.17
N ALA A 479 -10.75 -5.17 0.44
CA ALA A 479 -10.78 -5.64 1.82
C ALA A 479 -9.66 -5.02 2.64
N ALA A 480 -8.47 -4.91 2.07
CA ALA A 480 -7.35 -4.31 2.81
C ALA A 480 -7.63 -2.86 3.14
N ARG A 481 -8.19 -2.10 2.18
CA ARG A 481 -8.50 -0.70 2.44
C ARG A 481 -9.66 -0.57 3.42
N GLY A 482 -10.62 -1.49 3.37
CA GLY A 482 -11.67 -1.50 4.37
C GLY A 482 -11.12 -1.75 5.77
N GLY A 483 -10.17 -2.67 5.88
CA GLY A 483 -9.51 -2.88 7.16
C GLY A 483 -8.76 -1.66 7.62
N ALA A 484 -8.05 -1.00 6.71
CA ALA A 484 -7.31 0.21 7.07
C ALA A 484 -8.25 1.31 7.54
N ILE A 485 -9.39 1.47 6.86
CA ILE A 485 -10.38 2.46 7.27
C ILE A 485 -10.96 2.12 8.64
N LEU A 486 -11.28 0.84 8.86
CA LEU A 486 -11.92 0.44 10.10
C LEU A 486 -10.96 0.39 11.28
N GLY A 487 -9.65 0.39 11.01
CA GLY A 487 -8.66 0.40 12.06
C GLY A 487 -8.87 1.49 13.11
N PRO A 488 -8.73 2.75 12.71
CA PRO A 488 -8.94 3.85 13.67
C PRO A 488 -10.33 3.86 14.27
N LEU A 489 -11.33 3.37 13.54
CA LEU A 489 -12.68 3.31 14.11
C LEU A 489 -12.73 2.34 15.29
N VAL A 490 -12.11 1.16 15.16
CA VAL A 490 -12.09 0.22 16.28
C VAL A 490 -11.08 0.63 17.33
N ARG A 491 -10.17 1.55 17.02
CA ARG A 491 -9.28 2.08 18.05
C ARG A 491 -10.04 2.85 19.13
N LEU A 492 -11.26 3.29 18.83
CA LEU A 492 -12.07 4.04 19.79
C LEU A 492 -12.52 3.18 20.97
N LEU A 493 -12.35 1.87 20.90
CA LEU A 493 -12.76 0.98 21.98
C LEU A 493 -11.91 1.11 23.23
N GLY A 494 -10.94 2.03 23.24
CA GLY A 494 -10.12 2.22 24.43
C GLY A 494 -10.88 2.74 25.62
N VAL A 495 -12.03 3.37 25.40
CA VAL A 495 -12.84 3.86 26.52
C VAL A 495 -13.38 2.69 27.34
N HIS A 496 -13.90 1.66 26.66
CA HIS A 496 -14.44 0.51 27.37
C HIS A 496 -13.34 -0.42 27.89
N GLY A 497 -12.14 -0.33 27.32
CA GLY A 497 -11.03 -1.12 27.79
C GLY A 497 -9.74 -0.74 27.12
N PRO A 498 -8.68 -0.55 27.91
CA PRO A 498 -7.36 -0.27 27.33
C PRO A 498 -6.81 -1.40 26.49
N TRP A 499 -7.32 -2.63 26.68
CA TRP A 499 -6.84 -3.80 25.96
C TRP A 499 -7.75 -4.26 24.85
N LEU A 500 -9.01 -3.80 24.82
CA LEU A 500 -9.93 -4.24 23.77
C LEU A 500 -9.48 -3.89 22.36
N PRO A 501 -8.98 -2.68 22.06
CA PRO A 501 -8.47 -2.45 20.71
C PRO A 501 -7.34 -3.39 20.32
N LEU A 502 -6.37 -3.60 21.21
CA LEU A 502 -5.29 -4.55 20.93
C LEU A 502 -5.84 -5.96 20.79
N LEU A 503 -6.85 -6.31 21.60
CA LEU A 503 -7.44 -7.64 21.48
C LEU A 503 -8.05 -7.85 20.10
N VAL A 504 -8.76 -6.85 19.57
CA VAL A 504 -9.33 -6.99 18.23
C VAL A 504 -8.22 -7.01 17.17
N TYR A 505 -7.26 -6.10 17.29
CA TYR A 505 -6.17 -6.00 16.33
C TYR A 505 -5.33 -7.27 16.29
N GLY A 506 -5.35 -8.07 17.35
CA GLY A 506 -4.61 -9.32 17.35
C GLY A 506 -5.47 -10.52 17.06
N THR A 507 -6.78 -10.42 17.34
CA THR A 507 -7.68 -11.53 17.07
C THR A 507 -8.02 -11.63 15.59
N VAL A 508 -8.11 -10.51 14.88
CA VAL A 508 -8.36 -10.56 13.44
C VAL A 508 -7.26 -11.32 12.70
N PRO A 509 -5.97 -11.02 12.89
CA PRO A 509 -4.95 -11.78 12.16
C PRO A 509 -4.84 -13.23 12.62
N VAL A 510 -5.05 -13.52 13.90
CA VAL A 510 -4.99 -14.90 14.36
C VAL A 510 -6.09 -15.73 13.69
N LEU A 511 -7.31 -15.20 13.67
CA LEU A 511 -8.41 -15.92 13.03
C LEU A 511 -8.23 -16.00 11.53
N SER A 512 -7.67 -14.95 10.90
CA SER A 512 -7.42 -15.01 9.46
C SER A 512 -6.37 -16.05 9.12
N GLY A 513 -5.29 -16.12 9.91
CA GLY A 513 -4.27 -17.13 9.68
C GLY A 513 -4.79 -18.53 9.92
N LEU A 514 -5.57 -18.72 10.97
CA LEU A 514 -6.21 -20.02 11.18
C LEU A 514 -7.25 -20.32 10.13
N ALA A 515 -7.70 -19.29 9.40
CA ALA A 515 -8.53 -19.49 8.21
C ALA A 515 -7.71 -19.65 6.94
N ALA A 516 -6.44 -19.25 6.97
CA ALA A 516 -5.53 -19.47 5.85
C ALA A 516 -4.92 -20.86 5.86
N LEU A 517 -5.44 -21.76 6.70
CA LEU A 517 -5.10 -23.17 6.66
C LEU A 517 -6.17 -24.00 5.96
N LEU A 518 -7.14 -23.34 5.32
CA LEU A 518 -8.22 -24.00 4.61
C LEU A 518 -8.14 -23.86 3.10
N LEU A 519 -7.65 -22.72 2.60
CA LEU A 519 -7.54 -22.52 1.17
C LEU A 519 -6.43 -23.40 0.60
N PRO A 520 -6.56 -23.84 -0.64
CA PRO A 520 -5.65 -24.88 -1.16
C PRO A 520 -4.23 -24.40 -1.33
N GLU A 521 -3.29 -25.32 -1.17
CA GLU A 521 -1.89 -25.02 -1.39
C GLU A 521 -1.62 -24.77 -2.87
N THR A 522 -0.80 -23.77 -3.16
CA THR A 522 -0.47 -23.39 -4.54
C THR A 522 1.05 -23.33 -4.68
N GLN A 523 1.64 -24.49 -4.94
CA GLN A 523 3.06 -24.57 -5.29
C GLN A 523 3.24 -25.81 -6.15
N SER A 524 4.15 -25.72 -7.12
CA SER A 524 4.34 -26.74 -8.14
C SER A 524 3.07 -26.99 -8.95
N LEU A 525 2.17 -26.01 -8.98
CA LEU A 525 0.97 -26.04 -9.80
C LEU A 525 0.99 -24.85 -10.75
N PRO A 526 0.77 -25.08 -12.04
CA PRO A 526 0.83 -23.96 -12.99
C PRO A 526 -0.29 -22.96 -12.73
N LEU A 527 -0.02 -21.72 -13.11
CA LEU A 527 -1.00 -20.65 -12.92
C LEU A 527 -2.29 -20.99 -13.64
N PRO A 528 -3.42 -21.00 -12.96
CA PRO A 528 -4.70 -21.18 -13.66
C PRO A 528 -5.02 -19.94 -14.48
N ASP A 529 -5.50 -20.16 -15.70
CA ASP A 529 -5.86 -19.05 -16.58
C ASP A 529 -7.27 -19.17 -17.10
N THR A 530 -8.11 -19.96 -16.44
CA THR A 530 -9.54 -20.01 -16.74
C THR A 530 -10.23 -20.67 -15.56
N ILE A 531 -11.56 -20.52 -15.51
CA ILE A 531 -12.31 -21.12 -14.41
C ILE A 531 -12.22 -22.64 -14.47
N GLN A 532 -12.17 -23.20 -15.68
CA GLN A 532 -12.05 -24.65 -15.82
C GLN A 532 -10.74 -25.16 -15.23
N ASP A 533 -9.68 -24.35 -15.28
CA ASP A 533 -8.42 -24.77 -14.68
C ASP A 533 -8.56 -24.93 -13.17
N VAL A 534 -9.20 -23.97 -12.51
CA VAL A 534 -9.42 -24.07 -11.07
C VAL A 534 -10.35 -25.23 -10.74
N GLN A 535 -11.43 -25.38 -11.51
CA GLN A 535 -12.35 -26.48 -11.26
C GLN A 535 -11.73 -27.84 -11.57
N ASN A 536 -10.64 -27.88 -12.33
CA ASN A 536 -9.91 -29.13 -12.52
C ASN A 536 -9.15 -29.53 -11.27
N GLN A 537 -8.63 -28.55 -10.54
CA GLN A 537 -7.86 -28.81 -9.32
C GLN A 537 -8.74 -29.42 -8.23
N1 URC B . 0.74 0.91 1.42
C2 URC B . -0.06 -0.16 0.77
C6 URC B . 1.99 0.59 2.07
N3 URC B . 0.41 -1.57 0.79
O11 URC B . -1.10 0.11 0.24
C4 URC B . 1.68 -1.90 1.45
C5 URC B . 2.48 -0.85 2.09
N9 URC B . 2.40 -3.17 1.63
O13 URC B . 2.62 1.44 2.58
N7 URC B . 3.69 -1.47 2.66
C8 URC B . 3.63 -2.91 2.37
O24 URC B . 4.44 -3.71 2.69
#